data_4UGD
#
_entry.id   4UGD
#
_cell.length_a   80.567
_cell.length_b   94.593
_cell.length_c   63.177
_cell.angle_alpha   90.00
_cell.angle_beta   90.00
_cell.angle_gamma   90.00
#
_symmetry.space_group_name_H-M   'P 21 21 2'
#
loop_
_entity.id
_entity.type
_entity.pdbx_description
1 polymer 'NITRIC OXIDE SYNTHASE OXYGENASE'
2 non-polymer 'PROTOPORPHYRIN IX CONTAINING FE'
3 non-polymer 5,6,7,8-TETRAHYDROBIOPTERIN
4 non-polymer 'CHLORIDE ION'
5 non-polymer 6-[({(2S)-1-amino-4-[(6-amino-4-methylpyridin-2-yl)methoxy]butan-2-yl}oxy)methyl]-4-methylpyridin-2-amine
6 non-polymer GLYCEROL
7 water water
#
_entity_poly.entity_id   1
_entity_poly.type   'polypeptide(L)'
_entity_poly.pdbx_seq_one_letter_code
;MEEKEILWNEAKAFIAACYQELGKAAEVKDRLADIKSEIDLTGSYVHTKEELEHGAKMAWRNSNRCIGRLFWNSLNVIDR
RDVRTKEEVRDALFHHIETATNNGKIRPTITIFPPEEKGEKQVEIWNHQLIRYAGYESDGERIGDPASCSLTAACEELGW
RGERTDFDLLPLIFRMKGDEQPVWYELPRSLVIEVPITHPDIEAFSDLELKWYGVPIISDMKLEVGGIHYNAAPFNGWYM
GTEIGARNLADEKRYDKLKKVASVIGIAADYNTDLWKDQALVELNKAVLHSYKKQGVSIVDHHTAASQFKRFEEQAEEAG
RKLTGDWTWLIPPISPAATHIFHRSYDNSIVKPNYFYQDKPYE
;
_entity_poly.pdbx_strand_id   A
#
loop_
_chem_comp.id
_chem_comp.type
_chem_comp.name
_chem_comp.formula
CL non-polymer 'CHLORIDE ION' 'Cl -1'
GOL non-polymer GLYCEROL 'C3 H8 O3'
H4B non-polymer 5,6,7,8-TETRAHYDROBIOPTERIN 'C9 H15 N5 O3'
HEM non-polymer 'PROTOPORPHYRIN IX CONTAINING FE' 'C34 H32 Fe N4 O4'
Q14 non-polymer 6-[({(2S)-1-amino-4-[(6-amino-4-methylpyridin-2-yl)methoxy]butan-2-yl}oxy)methyl]-4-methylpyridin-2-amine 'C18 H27 N5 O2'
#
# COMPACT_ATOMS: atom_id res chain seq x y z
N GLU A 2 6.14 28.01 16.16
CA GLU A 2 6.66 26.66 16.33
C GLU A 2 6.70 25.89 15.01
N GLU A 3 5.73 26.18 14.13
CA GLU A 3 5.61 25.47 12.86
C GLU A 3 6.86 25.58 11.99
N LYS A 4 7.37 26.80 11.83
CA LYS A 4 8.60 27.06 11.10
C LYS A 4 9.75 26.30 11.76
N GLU A 5 9.75 26.31 13.09
CA GLU A 5 10.77 25.65 13.88
C GLU A 5 10.69 24.13 13.78
N ILE A 6 9.46 23.60 13.78
CA ILE A 6 9.24 22.16 13.57
C ILE A 6 9.83 21.76 12.23
N LEU A 7 9.50 22.54 11.20
CA LEU A 7 9.95 22.30 9.84
C LEU A 7 11.47 22.35 9.73
N TRP A 8 12.07 23.38 10.33
CA TRP A 8 13.52 23.57 10.27
C TRP A 8 14.30 22.46 10.95
N ASN A 9 13.79 21.97 12.08
CA ASN A 9 14.44 20.89 12.82
C ASN A 9 14.37 19.55 12.09
N GLU A 10 13.24 19.28 11.43
CA GLU A 10 13.09 18.07 10.64
C GLU A 10 14.03 18.12 9.43
N ALA A 11 14.07 19.28 8.78
CA ALA A 11 14.90 19.48 7.59
C ALA A 11 16.38 19.27 7.87
N LYS A 12 16.86 19.78 9.00
CA LYS A 12 18.24 19.57 9.42
C LYS A 12 18.56 18.09 9.56
N ALA A 13 17.71 17.38 10.30
CA ALA A 13 17.90 15.96 10.56
C ALA A 13 17.88 15.13 9.27
N PHE A 14 16.93 15.42 8.39
CA PHE A 14 16.80 14.66 7.15
C PHE A 14 17.94 14.88 6.16
N ILE A 15 18.25 16.14 5.88
CA ILE A 15 19.28 16.47 4.90
C ILE A 15 20.64 15.88 5.28
N ALA A 16 21.01 16.02 6.54
CA ALA A 16 22.28 15.48 7.03
C ALA A 16 22.35 13.97 6.86
N ALA A 17 21.25 13.28 7.19
CA ALA A 17 21.18 11.83 7.06
C ALA A 17 21.14 11.38 5.61
N CYS A 18 20.30 12.05 4.81
CA CYS A 18 20.18 11.74 3.39
C CYS A 18 21.50 11.93 2.65
N TYR A 19 22.10 13.10 2.81
CA TYR A 19 23.37 13.42 2.14
C TYR A 19 24.52 12.53 2.63
N GLN A 20 24.45 12.12 3.90
CA GLN A 20 25.44 11.21 4.45
C GLN A 20 25.39 9.88 3.72
N GLU A 21 24.18 9.33 3.59
CA GLU A 21 23.98 8.06 2.89
C GLU A 21 24.35 8.18 1.41
N LEU A 22 24.07 9.34 0.83
CA LEU A 22 24.36 9.58 -0.58
C LEU A 22 25.81 10.01 -0.76
N GLY A 23 26.56 10.08 0.33
CA GLY A 23 27.94 10.49 0.28
C GLY A 23 28.11 11.94 -0.15
N LYS A 24 27.10 12.76 0.12
CA LYS A 24 27.17 14.18 -0.20
C LYS A 24 27.34 15.00 1.08
N ALA A 25 28.07 14.45 2.03
CA ALA A 25 28.23 15.05 3.35
C ALA A 25 28.73 16.51 3.33
N ALA A 26 29.60 16.82 2.39
CA ALA A 26 30.23 18.14 2.34
C ALA A 26 29.27 19.24 1.85
N GLU A 27 28.14 18.81 1.29
CA GLU A 27 27.17 19.75 0.71
C GLU A 27 26.02 20.07 1.68
N VAL A 28 26.01 19.41 2.83
CA VAL A 28 24.98 19.62 3.85
C VAL A 28 24.93 21.08 4.30
N LYS A 29 26.10 21.65 4.52
CA LYS A 29 26.22 23.02 5.03
C LYS A 29 25.52 24.04 4.14
N ASP A 30 25.89 24.07 2.86
CA ASP A 30 25.34 25.05 1.92
C ASP A 30 23.86 24.81 1.60
N ARG A 31 23.46 23.55 1.60
CA ARG A 31 22.05 23.19 1.38
C ARG A 31 21.19 23.66 2.55
N LEU A 32 21.67 23.41 3.76
CA LEU A 32 20.96 23.81 4.97
C LEU A 32 20.78 25.33 5.04
N ALA A 33 21.72 26.05 4.44
CA ALA A 33 21.64 27.50 4.37
C ALA A 33 20.51 27.94 3.44
N ASP A 34 20.54 27.43 2.20
CA ASP A 34 19.51 27.73 1.21
C ASP A 34 18.11 27.40 1.74
N ILE A 35 17.99 26.22 2.33
CA ILE A 35 16.74 25.77 2.94
C ILE A 35 16.27 26.75 4.02
N LYS A 36 17.21 27.22 4.84
CA LYS A 36 16.87 28.10 5.95
C LYS A 36 16.29 29.46 5.51
N SER A 37 16.91 30.05 4.49
CA SER A 37 16.40 31.30 3.93
C SER A 37 15.05 31.08 3.26
N GLU A 38 14.91 29.93 2.61
CA GLU A 38 13.67 29.58 1.91
C GLU A 38 12.50 29.46 2.90
N ILE A 39 12.75 28.80 4.03
CA ILE A 39 11.75 28.69 5.10
C ILE A 39 11.42 30.07 5.67
N ASP A 40 12.44 30.88 5.88
CA ASP A 40 12.25 32.25 6.34
C ASP A 40 11.34 33.03 5.40
N LEU A 41 11.65 32.93 4.11
CA LEU A 41 10.95 33.67 3.07
C LEU A 41 9.55 33.14 2.78
N THR A 42 9.47 31.86 2.42
CA THR A 42 8.24 31.26 1.92
C THR A 42 7.44 30.50 2.99
N GLY A 43 8.10 30.11 4.07
CA GLY A 43 7.44 29.31 5.09
C GLY A 43 7.63 27.82 4.86
N SER A 44 8.39 27.48 3.82
CA SER A 44 8.64 26.09 3.47
C SER A 44 9.84 25.95 2.55
N TYR A 45 10.18 24.72 2.18
CA TYR A 45 11.29 24.47 1.25
C TYR A 45 10.99 23.34 0.27
N VAL A 46 11.62 23.38 -0.90
CA VAL A 46 11.37 22.41 -1.97
C VAL A 46 12.49 21.38 -2.09
N HIS A 47 12.13 20.11 -2.03
CA HIS A 47 13.09 19.03 -2.17
C HIS A 47 13.68 18.95 -3.57
N THR A 48 14.95 18.60 -3.66
CA THR A 48 15.56 18.27 -4.94
C THR A 48 15.05 16.88 -5.30
N LYS A 49 15.14 16.52 -6.59
CA LYS A 49 14.67 15.20 -7.02
C LYS A 49 15.44 14.08 -6.33
N GLU A 50 16.73 14.31 -6.08
CA GLU A 50 17.58 13.35 -5.41
C GLU A 50 17.16 13.18 -3.95
N GLU A 51 16.78 14.28 -3.31
CA GLU A 51 16.32 14.25 -1.93
C GLU A 51 14.98 13.55 -1.82
N LEU A 52 14.07 13.89 -2.74
CA LEU A 52 12.72 13.31 -2.76
C LEU A 52 12.78 11.80 -2.97
N GLU A 53 13.56 11.39 -3.97
CA GLU A 53 13.71 9.97 -4.31
C GLU A 53 14.22 9.16 -3.13
N HIS A 54 15.36 9.57 -2.58
CA HIS A 54 15.95 8.85 -1.46
C HIS A 54 15.06 8.97 -0.21
N GLY A 55 14.35 10.09 -0.09
CA GLY A 55 13.46 10.30 1.04
C GLY A 55 12.31 9.31 1.07
N ALA A 56 11.80 8.97 -0.10
CA ALA A 56 10.72 8.00 -0.22
C ALA A 56 11.23 6.58 0.00
N LYS A 57 12.49 6.34 -0.36
CA LYS A 57 13.11 5.03 -0.14
C LYS A 57 13.42 4.84 1.35
N MET A 58 13.91 5.90 1.98
CA MET A 58 14.16 5.88 3.42
C MET A 58 12.88 5.63 4.19
N ALA A 59 11.79 6.22 3.70
CA ALA A 59 10.48 6.08 4.33
C ALA A 59 9.98 4.64 4.33
N TRP A 60 10.22 3.93 3.22
CA TRP A 60 9.84 2.54 3.08
C TRP A 60 10.68 1.72 4.04
N ARG A 61 11.98 2.03 4.09
CA ARG A 61 12.92 1.33 4.96
C ARG A 61 12.55 1.47 6.43
N ASN A 62 11.84 2.54 6.77
CA ASN A 62 11.45 2.81 8.15
C ASN A 62 10.04 2.32 8.50
N SER A 63 9.35 1.76 7.52
CA SER A 63 8.00 1.26 7.74
C SER A 63 8.00 -0.01 8.58
N ASN A 64 7.80 0.15 9.89
CA ASN A 64 7.92 -0.93 10.85
C ASN A 64 7.04 -2.15 10.57
N ARG A 65 5.92 -1.93 9.89
CA ARG A 65 4.94 -2.99 9.66
C ARG A 65 5.17 -3.77 8.38
N CYS A 66 6.17 -3.37 7.60
CA CYS A 66 6.41 -3.96 6.28
C CYS A 66 7.45 -5.07 6.29
N ILE A 67 7.05 -6.25 5.80
CA ILE A 67 7.92 -7.42 5.72
C ILE A 67 8.78 -7.38 4.46
N GLY A 68 8.40 -6.54 3.50
CA GLY A 68 9.06 -6.54 2.20
C GLY A 68 10.12 -5.48 2.01
N ARG A 69 10.69 -4.99 3.12
CA ARG A 69 11.60 -3.86 3.08
C ARG A 69 12.99 -4.14 2.50
N LEU A 70 13.28 -5.40 2.17
CA LEU A 70 14.59 -5.76 1.62
C LEU A 70 14.92 -4.96 0.36
N PHE A 71 13.89 -4.67 -0.43
CA PHE A 71 14.09 -4.04 -1.72
C PHE A 71 13.77 -2.55 -1.68
N TRP A 72 14.02 -1.93 -0.53
CA TRP A 72 13.73 -0.51 -0.32
C TRP A 72 14.45 0.42 -1.32
N ASN A 73 15.69 0.07 -1.65
CA ASN A 73 16.50 0.93 -2.50
C ASN A 73 16.17 0.84 -3.99
N SER A 74 15.32 -0.11 -4.36
CA SER A 74 14.94 -0.27 -5.76
C SER A 74 13.59 0.36 -6.08
N LEU A 75 13.08 1.14 -5.14
CA LEU A 75 11.79 1.82 -5.31
C LEU A 75 11.81 2.76 -6.52
N ASN A 76 10.82 2.63 -7.38
CA ASN A 76 10.65 3.51 -8.53
C ASN A 76 9.89 4.76 -8.14
N VAL A 77 10.58 5.89 -8.05
CA VAL A 77 9.97 7.14 -7.60
C VAL A 77 9.56 8.05 -8.76
N ILE A 78 8.27 8.34 -8.86
CA ILE A 78 7.77 9.24 -9.89
C ILE A 78 7.41 10.61 -9.30
N ASP A 79 8.12 11.63 -9.75
CA ASP A 79 7.95 13.00 -9.25
C ASP A 79 6.89 13.75 -10.04
N ARG A 80 5.70 13.89 -9.45
CA ARG A 80 4.64 14.65 -10.08
C ARG A 80 4.21 15.84 -9.24
N ARG A 81 5.19 16.57 -8.69
CA ARG A 81 4.91 17.78 -7.93
C ARG A 81 4.46 18.91 -8.85
N ASP A 82 4.49 18.66 -10.15
CA ASP A 82 4.18 19.68 -11.14
C ASP A 82 2.71 19.73 -11.53
N VAL A 83 1.93 18.73 -11.13
CA VAL A 83 0.51 18.68 -11.52
C VAL A 83 -0.29 19.83 -10.92
N ARG A 84 -1.29 20.31 -11.67
CA ARG A 84 -2.12 21.43 -11.24
C ARG A 84 -3.60 21.22 -11.57
N THR A 85 -3.88 20.27 -12.47
CA THR A 85 -5.26 20.00 -12.88
C THR A 85 -5.69 18.56 -12.56
N LYS A 86 -7.00 18.36 -12.44
CA LYS A 86 -7.54 17.04 -12.13
C LYS A 86 -7.31 16.03 -13.26
N GLU A 87 -7.27 16.52 -14.49
CA GLU A 87 -6.95 15.65 -15.63
C GLU A 87 -5.51 15.17 -15.54
N GLU A 88 -4.63 16.02 -15.04
CA GLU A 88 -3.22 15.66 -14.84
C GLU A 88 -3.09 14.63 -13.72
N VAL A 89 -3.84 14.83 -12.64
CA VAL A 89 -3.84 13.90 -11.52
C VAL A 89 -4.34 12.52 -11.99
N ARG A 90 -5.45 12.53 -12.74
CA ARG A 90 -6.05 11.30 -13.24
C ARG A 90 -5.08 10.49 -14.10
N ASP A 91 -4.44 11.18 -15.03
CA ASP A 91 -3.50 10.54 -15.95
C ASP A 91 -2.25 10.06 -15.24
N ALA A 92 -1.84 10.78 -14.20
CA ALA A 92 -0.72 10.36 -13.38
C ALA A 92 -1.06 9.06 -12.65
N LEU A 93 -2.30 8.97 -12.17
CA LEU A 93 -2.79 7.78 -11.49
C LEU A 93 -2.93 6.62 -12.47
N PHE A 94 -3.48 6.90 -13.65
CA PHE A 94 -3.59 5.90 -14.71
C PHE A 94 -2.20 5.39 -15.09
N HIS A 95 -1.25 6.31 -15.22
CA HIS A 95 0.12 5.96 -15.55
C HIS A 95 0.77 5.08 -14.48
N HIS A 96 0.52 5.41 -13.22
CA HIS A 96 1.08 4.66 -12.12
C HIS A 96 0.65 3.20 -12.22
N ILE A 97 -0.65 2.98 -12.36
CA ILE A 97 -1.20 1.64 -12.51
C ILE A 97 -0.54 0.88 -13.65
N GLU A 98 -0.42 1.54 -14.81
CA GLU A 98 0.15 0.93 -15.99
C GLU A 98 1.62 0.54 -15.80
N THR A 99 2.43 1.49 -15.33
CA THR A 99 3.87 1.26 -15.21
C THR A 99 4.23 0.33 -14.05
N ALA A 100 3.45 0.38 -12.98
CA ALA A 100 3.70 -0.48 -11.82
C ALA A 100 3.31 -1.91 -12.13
N THR A 101 2.21 -2.06 -12.87
CA THR A 101 1.73 -3.39 -13.24
C THR A 101 2.73 -4.10 -14.16
N ASN A 102 3.21 -3.38 -15.17
CA ASN A 102 4.26 -3.87 -16.06
C ASN A 102 3.96 -5.23 -16.66
N ASN A 103 2.74 -5.39 -17.17
CA ASN A 103 2.29 -6.66 -17.76
C ASN A 103 2.37 -7.85 -16.81
N GLY A 104 2.31 -7.59 -15.51
CA GLY A 104 2.36 -8.66 -14.53
C GLY A 104 3.63 -8.71 -13.72
N LYS A 105 4.73 -8.25 -14.31
CA LYS A 105 6.00 -8.20 -13.59
C LYS A 105 6.10 -6.88 -12.83
N ILE A 106 5.40 -6.84 -11.69
CA ILE A 106 5.18 -5.62 -10.91
C ILE A 106 6.43 -4.86 -10.48
N ARG A 107 6.43 -3.56 -10.72
CA ARG A 107 7.48 -2.67 -10.24
C ARG A 107 7.00 -1.90 -9.03
N PRO A 108 7.67 -2.07 -7.89
CA PRO A 108 7.41 -1.24 -6.71
C PRO A 108 7.59 0.24 -7.07
N THR A 109 6.51 1.00 -6.99
CA THR A 109 6.48 2.36 -7.51
C THR A 109 5.74 3.31 -6.58
N ILE A 110 6.19 4.56 -6.51
CA ILE A 110 5.45 5.61 -5.82
C ILE A 110 5.34 6.86 -6.69
N THR A 111 4.14 7.41 -6.77
CA THR A 111 3.92 8.66 -7.49
C THR A 111 3.68 9.76 -6.45
N ILE A 112 4.50 10.81 -6.51
CA ILE A 112 4.45 11.86 -5.49
C ILE A 112 3.85 13.16 -6.00
N PHE A 113 2.70 13.52 -5.42
CA PHE A 113 1.97 14.72 -5.81
C PHE A 113 2.40 15.92 -4.94
N PRO A 114 2.01 17.14 -5.33
CA PRO A 114 2.40 18.31 -4.53
C PRO A 114 2.04 18.16 -3.05
N PRO A 115 2.94 18.59 -2.16
CA PRO A 115 2.77 18.43 -0.71
C PRO A 115 1.78 19.43 -0.15
N GLU A 116 1.37 19.22 1.10
CA GLU A 116 0.56 20.21 1.79
C GLU A 116 1.36 21.50 1.91
N GLU A 117 0.67 22.64 1.84
CA GLU A 117 1.34 23.93 1.94
C GLU A 117 1.31 24.43 3.38
N LYS A 118 0.16 24.91 3.82
CA LYS A 118 -0.06 25.32 5.20
C LYS A 118 -0.90 24.29 5.92
N GLY A 119 -0.66 23.02 5.62
CA GLY A 119 -1.54 21.95 6.07
C GLY A 119 -2.70 21.86 5.11
N GLU A 120 -2.67 22.74 4.10
CA GLU A 120 -3.69 22.78 3.08
C GLU A 120 -3.31 21.83 1.95
N LYS A 121 -4.20 20.89 1.66
CA LYS A 121 -3.95 19.87 0.66
C LYS A 121 -4.14 20.42 -0.75
N GLN A 122 -3.19 20.09 -1.63
CA GLN A 122 -3.29 20.47 -3.04
C GLN A 122 -4.11 19.40 -3.75
N VAL A 123 -3.85 18.16 -3.40
CA VAL A 123 -4.58 17.02 -3.94
C VAL A 123 -5.04 16.10 -2.81
N GLU A 124 -6.31 15.73 -2.84
CA GLU A 124 -6.91 14.92 -1.77
C GLU A 124 -7.49 13.62 -2.33
N ILE A 125 -6.73 12.54 -2.23
CA ILE A 125 -7.16 11.22 -2.72
C ILE A 125 -8.08 10.54 -1.70
N TRP A 126 -9.23 10.06 -2.17
CA TRP A 126 -10.22 9.41 -1.30
C TRP A 126 -10.07 7.89 -1.27
N ASN A 127 -9.45 7.33 -2.30
CA ASN A 127 -9.29 5.89 -2.40
C ASN A 127 -8.30 5.34 -1.38
N HIS A 128 -8.66 4.21 -0.77
CA HIS A 128 -7.74 3.51 0.11
C HIS A 128 -6.65 2.87 -0.75
N GLN A 129 -7.09 2.18 -1.80
CA GLN A 129 -6.20 1.67 -2.83
C GLN A 129 -6.73 2.10 -4.19
N LEU A 130 -5.84 2.35 -5.14
CA LEU A 130 -6.25 2.78 -6.47
C LEU A 130 -7.14 1.75 -7.14
N ILE A 131 -6.83 0.48 -6.90
CA ILE A 131 -7.66 -0.61 -7.38
C ILE A 131 -8.26 -1.35 -6.18
N ARG A 132 -9.57 -1.23 -6.02
CA ARG A 132 -10.28 -1.94 -4.96
C ARG A 132 -11.74 -2.18 -5.35
N TYR A 133 -12.32 -3.22 -4.76
CA TYR A 133 -13.70 -3.60 -5.06
C TYR A 133 -14.71 -2.89 -4.17
N ALA A 134 -15.86 -2.56 -4.75
CA ALA A 134 -16.92 -1.88 -4.03
C ALA A 134 -17.58 -2.81 -3.01
N GLY A 135 -18.32 -2.22 -2.08
CA GLY A 135 -19.04 -2.98 -1.08
C GLY A 135 -20.41 -2.38 -0.81
N TYR A 136 -21.41 -3.24 -0.63
CA TYR A 136 -22.77 -2.78 -0.41
C TYR A 136 -23.46 -3.57 0.71
N GLU A 137 -24.40 -2.90 1.38
CA GLU A 137 -25.29 -3.57 2.33
C GLU A 137 -26.63 -2.84 2.38
N SER A 138 -27.70 -3.56 2.04
CA SER A 138 -29.05 -3.00 2.08
C SER A 138 -30.01 -4.08 2.57
N ASP A 139 -30.65 -3.84 3.71
CA ASP A 139 -31.53 -4.81 4.34
C ASP A 139 -30.83 -6.16 4.53
N GLY A 140 -29.59 -6.11 5.01
CA GLY A 140 -28.82 -7.33 5.23
C GLY A 140 -28.45 -8.05 3.95
N GLU A 141 -28.62 -7.38 2.81
CA GLU A 141 -28.11 -7.92 1.55
C GLU A 141 -26.68 -7.45 1.36
N ARG A 142 -25.74 -8.36 1.57
CA ARG A 142 -24.32 -8.02 1.63
C ARG A 142 -23.64 -8.36 0.30
N ILE A 143 -23.10 -7.34 -0.37
CA ILE A 143 -22.43 -7.56 -1.66
C ILE A 143 -21.03 -6.92 -1.68
N GLY A 144 -20.06 -7.66 -2.24
CA GLY A 144 -18.73 -7.12 -2.45
C GLY A 144 -17.87 -7.09 -1.20
N ASP A 145 -16.96 -6.11 -1.14
CA ASP A 145 -16.04 -5.98 -0.02
C ASP A 145 -16.59 -5.01 1.03
N PRO A 146 -16.98 -5.54 2.20
CA PRO A 146 -17.56 -4.74 3.29
C PRO A 146 -16.67 -3.60 3.73
N ALA A 147 -15.35 -3.77 3.61
CA ALA A 147 -14.39 -2.73 3.98
C ALA A 147 -14.54 -1.48 3.12
N SER A 148 -15.12 -1.65 1.93
CA SER A 148 -15.32 -0.55 1.00
C SER A 148 -16.70 0.10 1.10
N CYS A 149 -17.50 -0.34 2.07
CA CYS A 149 -18.89 0.11 2.19
C CYS A 149 -19.07 1.63 2.30
N SER A 150 -18.24 2.28 3.11
CA SER A 150 -18.38 3.71 3.35
C SER A 150 -17.92 4.55 2.15
N LEU A 151 -16.82 4.15 1.52
CA LEU A 151 -16.33 4.85 0.33
C LEU A 151 -17.31 4.67 -0.83
N THR A 152 -17.89 3.48 -0.93
CA THR A 152 -18.85 3.18 -1.98
C THR A 152 -20.10 4.06 -1.87
N ALA A 153 -20.59 4.21 -0.64
CA ALA A 153 -21.75 5.07 -0.38
C ALA A 153 -21.42 6.51 -0.75
N ALA A 154 -20.21 6.93 -0.44
CA ALA A 154 -19.74 8.27 -0.75
C ALA A 154 -19.68 8.52 -2.25
N CYS A 155 -19.15 7.52 -2.98
CA CYS A 155 -19.07 7.59 -4.43
C CYS A 155 -20.45 7.63 -5.07
N GLU A 156 -21.38 6.84 -4.53
CA GLU A 156 -22.73 6.80 -5.08
C GLU A 156 -23.52 8.06 -4.74
N GLU A 157 -22.97 8.89 -3.88
CA GLU A 157 -23.53 10.21 -3.62
C GLU A 157 -23.13 11.16 -4.75
N LEU A 158 -22.01 10.86 -5.37
CA LEU A 158 -21.38 11.76 -6.35
C LEU A 158 -21.77 11.46 -7.80
N GLY A 159 -22.79 10.62 -7.99
CA GLY A 159 -23.30 10.35 -9.32
C GLY A 159 -22.83 9.04 -9.92
N TRP A 160 -21.90 8.37 -9.25
CA TRP A 160 -21.46 7.04 -9.66
C TRP A 160 -22.47 6.00 -9.22
N ARG A 161 -22.57 4.91 -9.97
CA ARG A 161 -23.42 3.80 -9.58
C ARG A 161 -22.71 2.48 -9.87
N GLY A 162 -22.68 1.59 -8.87
CA GLY A 162 -22.03 0.32 -9.02
C GLY A 162 -22.94 -0.73 -9.61
N GLU A 163 -22.37 -1.70 -10.32
CA GLU A 163 -23.16 -2.77 -10.92
C GLU A 163 -23.66 -3.75 -9.88
N ARG A 164 -23.07 -3.66 -8.69
CA ARG A 164 -23.41 -4.54 -7.57
C ARG A 164 -23.12 -6.01 -7.85
N THR A 165 -21.97 -6.26 -8.48
CA THR A 165 -21.38 -7.59 -8.49
C THR A 165 -20.54 -7.65 -7.24
N ASP A 166 -19.92 -8.80 -6.97
CA ASP A 166 -19.04 -8.89 -5.82
C ASP A 166 -17.68 -8.25 -6.08
N PHE A 167 -17.44 -7.89 -7.33
CA PHE A 167 -16.12 -7.38 -7.71
C PHE A 167 -16.20 -6.12 -8.58
N ASP A 168 -17.06 -5.19 -8.20
CA ASP A 168 -17.12 -3.89 -8.86
C ASP A 168 -15.84 -3.11 -8.62
N LEU A 169 -15.18 -2.68 -9.70
CA LEU A 169 -14.04 -1.79 -9.55
C LEU A 169 -14.51 -0.40 -9.17
N LEU A 170 -14.05 0.09 -8.02
CA LEU A 170 -14.33 1.45 -7.61
C LEU A 170 -13.63 2.44 -8.54
N PRO A 171 -14.26 3.59 -8.80
CA PRO A 171 -13.59 4.60 -9.63
C PRO A 171 -12.51 5.31 -8.81
N LEU A 172 -11.54 5.93 -9.48
CA LEU A 172 -10.62 6.81 -8.79
C LEU A 172 -11.45 7.98 -8.30
N ILE A 173 -11.20 8.42 -7.08
CA ILE A 173 -11.90 9.59 -6.58
C ILE A 173 -10.99 10.47 -5.73
N PHE A 174 -10.86 11.72 -6.14
CA PHE A 174 -9.99 12.66 -5.44
C PHE A 174 -10.53 14.08 -5.57
N ARG A 175 -10.11 14.95 -4.66
CA ARG A 175 -10.56 16.34 -4.68
C ARG A 175 -9.38 17.29 -4.85
N MET A 176 -9.55 18.31 -5.68
CA MET A 176 -8.52 19.32 -5.89
C MET A 176 -8.72 20.48 -4.93
N LYS A 177 -7.63 21.17 -4.59
CA LYS A 177 -7.70 22.36 -3.75
C LYS A 177 -8.61 23.40 -4.39
N GLY A 178 -9.54 23.93 -3.61
CA GLY A 178 -10.46 24.93 -4.12
C GLY A 178 -11.82 24.38 -4.49
N ASP A 179 -11.85 23.12 -4.92
CA ASP A 179 -13.11 22.46 -5.24
C ASP A 179 -13.77 21.93 -3.96
N GLU A 180 -15.10 22.01 -3.89
CA GLU A 180 -15.83 21.52 -2.72
C GLU A 180 -16.04 20.01 -2.76
N GLN A 181 -16.21 19.46 -3.97
CA GLN A 181 -16.45 18.04 -4.14
C GLN A 181 -15.33 17.34 -4.89
N PRO A 182 -15.09 16.06 -4.56
CA PRO A 182 -14.13 15.29 -5.35
C PRO A 182 -14.74 14.95 -6.70
N VAL A 183 -13.90 14.61 -7.69
CA VAL A 183 -14.40 14.09 -8.96
C VAL A 183 -14.13 12.59 -8.96
N TRP A 184 -14.77 11.87 -9.86
CA TRP A 184 -14.48 10.44 -9.99
C TRP A 184 -14.29 10.02 -11.42
N TYR A 185 -13.38 9.07 -11.63
CA TYR A 185 -13.12 8.55 -12.96
C TYR A 185 -13.12 7.02 -12.95
N GLU A 186 -13.95 6.44 -13.81
CA GLU A 186 -13.99 4.99 -13.96
C GLU A 186 -12.65 4.48 -14.49
N LEU A 187 -12.15 3.42 -13.88
CA LEU A 187 -10.89 2.83 -14.30
C LEU A 187 -11.03 2.13 -15.66
N PRO A 188 -10.06 2.31 -16.54
CA PRO A 188 -10.04 1.53 -17.78
C PRO A 188 -9.72 0.09 -17.46
N ARG A 189 -10.58 -0.83 -17.86
CA ARG A 189 -10.40 -2.24 -17.53
C ARG A 189 -9.09 -2.78 -18.08
N SER A 190 -8.67 -2.24 -19.23
CA SER A 190 -7.46 -2.70 -19.91
C SER A 190 -6.19 -2.47 -19.08
N LEU A 191 -6.27 -1.56 -18.12
CA LEU A 191 -5.14 -1.26 -17.24
C LEU A 191 -5.15 -2.12 -15.97
N VAL A 192 -6.30 -2.71 -15.65
CA VAL A 192 -6.46 -3.47 -14.42
C VAL A 192 -6.32 -4.98 -14.64
N ILE A 193 -5.25 -5.55 -14.11
CA ILE A 193 -5.07 -7.01 -14.15
C ILE A 193 -5.78 -7.66 -12.97
N GLU A 194 -6.61 -8.66 -13.27
CA GLU A 194 -7.26 -9.44 -12.23
C GLU A 194 -6.86 -10.90 -12.39
N VAL A 195 -6.88 -11.65 -11.28
CA VAL A 195 -6.46 -13.04 -11.31
C VAL A 195 -7.58 -13.95 -10.83
N PRO A 196 -8.09 -14.80 -11.72
CA PRO A 196 -9.07 -15.84 -11.32
C PRO A 196 -8.41 -16.83 -10.37
N ILE A 197 -9.09 -17.17 -9.27
CA ILE A 197 -8.54 -18.09 -8.30
C ILE A 197 -8.89 -19.54 -8.63
N THR A 198 -7.86 -20.33 -8.93
CA THR A 198 -8.02 -21.77 -9.16
C THR A 198 -7.07 -22.53 -8.24
N HIS A 199 -7.33 -23.81 -8.05
CA HIS A 199 -6.47 -24.66 -7.21
C HIS A 199 -5.66 -25.59 -8.11
N PRO A 200 -4.40 -25.85 -7.73
CA PRO A 200 -3.50 -26.67 -8.55
C PRO A 200 -3.99 -28.10 -8.83
N ASP A 201 -4.73 -28.72 -7.92
CA ASP A 201 -5.22 -30.08 -8.12
C ASP A 201 -6.70 -30.32 -7.81
N ILE A 202 -7.37 -29.32 -7.26
CA ILE A 202 -8.82 -29.41 -7.03
C ILE A 202 -9.59 -28.55 -8.04
N GLU A 203 -10.17 -29.21 -9.05
CA GLU A 203 -10.87 -28.53 -10.14
C GLU A 203 -12.12 -27.76 -9.68
N ALA A 204 -12.79 -28.28 -8.67
CA ALA A 204 -14.04 -27.70 -8.19
C ALA A 204 -13.84 -26.33 -7.54
N PHE A 205 -12.59 -25.96 -7.28
CA PHE A 205 -12.28 -24.68 -6.64
C PHE A 205 -12.74 -23.50 -7.49
N SER A 206 -12.77 -23.68 -8.81
CA SER A 206 -13.20 -22.62 -9.72
C SER A 206 -14.70 -22.37 -9.61
N ASP A 207 -15.43 -23.30 -9.00
CA ASP A 207 -16.87 -23.14 -8.80
C ASP A 207 -17.17 -21.97 -7.87
N LEU A 208 -16.17 -21.58 -7.07
CA LEU A 208 -16.32 -20.47 -6.13
C LEU A 208 -16.30 -19.12 -6.85
N GLU A 209 -15.79 -19.12 -8.08
CA GLU A 209 -15.71 -17.92 -8.91
C GLU A 209 -14.98 -16.79 -8.21
N LEU A 210 -13.91 -17.13 -7.49
CA LEU A 210 -13.12 -16.12 -6.79
C LEU A 210 -12.13 -15.47 -7.74
N LYS A 211 -11.83 -14.20 -7.48
CA LYS A 211 -10.74 -13.52 -8.15
C LYS A 211 -10.21 -12.39 -7.26
N TRP A 212 -9.05 -11.85 -7.62
CA TRP A 212 -8.53 -10.68 -6.94
C TRP A 212 -7.73 -9.82 -7.91
N TYR A 213 -7.47 -8.57 -7.54
CA TYR A 213 -6.73 -7.66 -8.40
C TYR A 213 -5.22 -7.85 -8.24
N GLY A 214 -4.48 -7.55 -9.30
CA GLY A 214 -3.06 -7.85 -9.34
C GLY A 214 -2.19 -7.01 -8.42
N VAL A 215 -2.42 -5.70 -8.39
CA VAL A 215 -1.50 -4.79 -7.70
C VAL A 215 -2.14 -4.02 -6.56
N PRO A 216 -1.58 -4.15 -5.34
CA PRO A 216 -2.00 -3.39 -4.17
C PRO A 216 -1.34 -2.01 -4.16
N ILE A 217 -2.13 -0.96 -4.38
CA ILE A 217 -1.59 0.39 -4.47
C ILE A 217 -2.17 1.30 -3.39
N ILE A 218 -1.49 1.36 -2.25
CA ILE A 218 -1.93 2.17 -1.12
C ILE A 218 -1.96 3.65 -1.48
N SER A 219 -3.12 4.29 -1.31
CA SER A 219 -3.30 5.65 -1.78
C SER A 219 -3.88 6.61 -0.74
N ASP A 220 -3.90 6.20 0.52
CA ASP A 220 -4.50 7.04 1.56
C ASP A 220 -3.53 7.41 2.69
N MET A 221 -2.23 7.16 2.49
CA MET A 221 -1.25 7.45 3.54
C MET A 221 -0.40 8.68 3.21
N LYS A 222 0.11 9.32 4.25
CA LYS A 222 0.98 10.49 4.10
C LYS A 222 2.45 10.11 4.12
N LEU A 223 3.18 10.52 3.09
CA LEU A 223 4.63 10.41 3.09
C LEU A 223 5.22 11.66 3.70
N GLU A 224 5.96 11.50 4.79
CA GLU A 224 6.61 12.65 5.40
C GLU A 224 8.12 12.57 5.20
N VAL A 225 8.69 13.60 4.59
CA VAL A 225 10.11 13.65 4.30
C VAL A 225 10.70 14.99 4.75
N GLY A 226 11.48 14.97 5.82
CA GLY A 226 12.16 16.15 6.30
C GLY A 226 11.26 17.36 6.54
N GLY A 227 10.12 17.12 7.18
CA GLY A 227 9.21 18.20 7.53
C GLY A 227 8.12 18.45 6.52
N ILE A 228 8.30 17.93 5.31
CA ILE A 228 7.34 18.15 4.24
C ILE A 228 6.30 17.03 4.19
N HIS A 229 5.03 17.41 4.16
CA HIS A 229 3.94 16.45 4.23
C HIS A 229 3.33 16.15 2.85
N TYR A 230 3.79 15.07 2.23
CA TYR A 230 3.20 14.59 0.99
C TYR A 230 2.01 13.69 1.29
N ASN A 231 0.84 14.32 1.48
CA ASN A 231 -0.37 13.61 1.82
C ASN A 231 -0.87 12.74 0.66
N ALA A 232 -0.54 13.17 -0.55
CA ALA A 232 -0.92 12.45 -1.76
C ALA A 232 0.32 11.83 -2.41
N ALA A 233 0.55 10.55 -2.12
CA ALA A 233 1.69 9.84 -2.68
C ALA A 233 1.46 8.33 -2.70
N PRO A 234 0.60 7.87 -3.62
CA PRO A 234 0.26 6.44 -3.69
C PRO A 234 1.48 5.57 -4.01
N PHE A 235 1.57 4.40 -3.38
CA PHE A 235 2.69 3.50 -3.58
C PHE A 235 2.24 2.05 -3.66
N ASN A 236 3.04 1.21 -4.32
CA ASN A 236 2.69 -0.20 -4.50
C ASN A 236 3.88 -1.13 -4.42
N GLY A 237 3.60 -2.39 -4.10
CA GLY A 237 4.56 -3.47 -4.24
C GLY A 237 3.81 -4.58 -4.91
N TRP A 238 4.23 -5.82 -4.69
CA TRP A 238 3.41 -6.96 -5.08
C TRP A 238 2.79 -7.56 -3.82
N TYR A 239 1.77 -8.39 -3.99
CA TYR A 239 1.09 -8.99 -2.85
C TYR A 239 1.92 -10.08 -2.19
N MET A 240 1.78 -10.22 -0.88
CA MET A 240 2.14 -11.47 -0.22
C MET A 240 0.83 -12.25 -0.18
N GLY A 241 0.89 -13.53 -0.56
CA GLY A 241 -0.31 -14.34 -0.74
C GLY A 241 -1.31 -14.30 0.39
N THR A 242 -0.81 -14.32 1.62
CA THR A 242 -1.66 -14.35 2.81
C THR A 242 -2.57 -13.15 2.92
N GLU A 243 -2.13 -12.02 2.39
CA GLU A 243 -2.95 -10.81 2.40
C GLU A 243 -4.27 -11.06 1.67
N ILE A 244 -4.20 -11.86 0.62
CA ILE A 244 -5.38 -12.20 -0.17
C ILE A 244 -6.12 -13.40 0.41
N GLY A 245 -5.39 -14.50 0.61
CA GLY A 245 -5.99 -15.76 0.99
C GLY A 245 -6.32 -15.94 2.46
N ALA A 246 -5.62 -15.21 3.33
CA ALA A 246 -5.84 -15.37 4.76
C ALA A 246 -6.65 -14.22 5.36
N ARG A 247 -6.76 -13.12 4.62
CA ARG A 247 -7.48 -11.95 5.13
C ARG A 247 -8.60 -11.49 4.20
N ASN A 248 -8.24 -11.01 3.01
CA ASN A 248 -9.22 -10.46 2.07
C ASN A 248 -10.36 -11.41 1.72
N LEU A 249 -10.03 -12.67 1.51
CA LEU A 249 -11.04 -13.66 1.12
C LEU A 249 -11.50 -14.50 2.31
N ALA A 250 -10.79 -14.39 3.44
CA ALA A 250 -11.05 -15.27 4.58
C ALA A 250 -11.77 -14.62 5.75
N ASP A 251 -11.43 -13.37 6.05
CA ASP A 251 -12.03 -12.64 7.18
C ASP A 251 -13.56 -12.65 7.11
N GLU A 252 -14.20 -12.79 8.27
CA GLU A 252 -15.66 -12.80 8.34
C GLU A 252 -16.23 -11.42 7.99
N LYS A 253 -15.47 -10.37 8.27
CA LYS A 253 -15.89 -9.02 7.92
C LYS A 253 -15.39 -8.60 6.54
N ARG A 254 -14.85 -9.55 5.80
CA ARG A 254 -14.52 -9.33 4.39
C ARG A 254 -15.33 -10.28 3.52
N TYR A 255 -14.68 -11.07 2.68
CA TYR A 255 -15.39 -11.94 1.76
C TYR A 255 -15.91 -13.24 2.40
N ASP A 256 -15.30 -13.63 3.53
CA ASP A 256 -15.82 -14.71 4.38
C ASP A 256 -16.07 -16.01 3.61
N LYS A 257 -15.04 -16.50 2.92
CA LYS A 257 -15.21 -17.63 1.99
C LYS A 257 -14.81 -18.99 2.55
N LEU A 258 -14.43 -19.06 3.82
CA LEU A 258 -13.88 -20.30 4.38
C LEU A 258 -14.81 -21.52 4.35
N LYS A 259 -16.09 -21.31 4.67
CA LYS A 259 -17.05 -22.40 4.63
C LYS A 259 -17.24 -22.92 3.20
N LYS A 260 -17.29 -22.01 2.24
CA LYS A 260 -17.43 -22.41 0.83
C LYS A 260 -16.18 -23.14 0.34
N VAL A 261 -15.02 -22.72 0.84
CA VAL A 261 -13.77 -23.39 0.53
C VAL A 261 -13.76 -24.82 1.07
N ALA A 262 -14.17 -24.97 2.33
CA ALA A 262 -14.23 -26.30 2.96
C ALA A 262 -15.13 -27.23 2.14
N SER A 263 -16.22 -26.68 1.61
CA SER A 263 -17.15 -27.47 0.81
C SER A 263 -16.53 -27.96 -0.50
N VAL A 264 -15.82 -27.08 -1.21
CA VAL A 264 -15.26 -27.44 -2.51
C VAL A 264 -14.05 -28.38 -2.41
N ILE A 265 -13.29 -28.28 -1.32
CA ILE A 265 -12.16 -29.19 -1.10
C ILE A 265 -12.64 -30.50 -0.45
N GLY A 266 -13.94 -30.57 -0.17
CA GLY A 266 -14.57 -31.81 0.27
C GLY A 266 -14.35 -32.22 1.70
N ILE A 267 -14.31 -31.25 2.62
CA ILE A 267 -14.23 -31.57 4.04
C ILE A 267 -15.41 -30.97 4.81
N ALA A 268 -15.76 -31.59 5.93
CA ALA A 268 -16.85 -31.09 6.76
C ALA A 268 -16.43 -29.82 7.50
N ALA A 269 -17.38 -28.92 7.69
CA ALA A 269 -17.15 -27.69 8.44
C ALA A 269 -17.98 -27.72 9.71
N ASP A 270 -17.97 -28.87 10.39
CA ASP A 270 -18.85 -29.09 11.54
C ASP A 270 -18.15 -28.93 12.89
N TYR A 271 -16.91 -29.38 13.00
CA TYR A 271 -16.24 -29.44 14.30
C TYR A 271 -14.94 -28.64 14.37
N ASN A 272 -14.80 -27.85 15.44
CA ASN A 272 -13.59 -27.10 15.71
C ASN A 272 -12.36 -28.00 15.73
N THR A 273 -12.52 -29.18 16.33
CA THR A 273 -11.40 -30.12 16.50
C THR A 273 -10.88 -30.71 15.18
N ASP A 274 -11.68 -30.59 14.13
CA ASP A 274 -11.27 -31.09 12.82
C ASP A 274 -10.31 -30.13 12.14
N LEU A 275 -10.20 -28.93 12.71
CA LEU A 275 -9.34 -27.87 12.17
C LEU A 275 -9.65 -27.56 10.71
N TRP A 276 -10.94 -27.45 10.38
CA TRP A 276 -11.35 -27.28 8.99
C TRP A 276 -11.06 -25.89 8.44
N LYS A 277 -11.13 -24.88 9.32
CA LYS A 277 -10.79 -23.52 8.93
C LYS A 277 -9.32 -23.42 8.58
N ASP A 278 -8.49 -24.11 9.38
CA ASP A 278 -7.05 -24.12 9.17
C ASP A 278 -6.70 -24.77 7.84
N GLN A 279 -7.34 -25.90 7.56
CA GLN A 279 -7.13 -26.62 6.32
C GLN A 279 -7.64 -25.81 5.13
N ALA A 280 -8.80 -25.18 5.30
CA ALA A 280 -9.38 -24.34 4.25
C ALA A 280 -8.46 -23.16 3.95
N LEU A 281 -7.90 -22.57 5.00
CA LEU A 281 -6.98 -21.45 4.85
C LEU A 281 -5.74 -21.81 4.03
N VAL A 282 -5.20 -23.01 4.27
CA VAL A 282 -3.99 -23.43 3.57
C VAL A 282 -4.27 -23.70 2.09
N GLU A 283 -5.36 -24.40 1.79
CA GLU A 283 -5.71 -24.69 0.40
C GLU A 283 -6.05 -23.42 -0.36
N LEU A 284 -6.69 -22.47 0.32
CA LEU A 284 -7.05 -21.21 -0.32
C LEU A 284 -5.80 -20.39 -0.63
N ASN A 285 -4.85 -20.39 0.30
CA ASN A 285 -3.60 -19.67 0.10
C ASN A 285 -2.70 -20.35 -0.92
N LYS A 286 -2.82 -21.67 -1.03
CA LYS A 286 -2.14 -22.41 -2.08
C LYS A 286 -2.74 -22.00 -3.42
N ALA A 287 -4.05 -21.86 -3.45
CA ALA A 287 -4.77 -21.48 -4.66
C ALA A 287 -4.34 -20.10 -5.16
N VAL A 288 -4.27 -19.14 -4.24
CA VAL A 288 -3.87 -17.78 -4.57
C VAL A 288 -2.47 -17.72 -5.19
N LEU A 289 -1.51 -18.39 -4.56
CA LEU A 289 -0.14 -18.41 -5.07
C LEU A 289 -0.06 -19.07 -6.44
N HIS A 290 -0.76 -20.20 -6.59
CA HIS A 290 -0.80 -20.92 -7.85
C HIS A 290 -1.39 -20.06 -8.97
N SER A 291 -2.49 -19.36 -8.66
CA SER A 291 -3.20 -18.57 -9.65
C SER A 291 -2.40 -17.38 -10.16
N TYR A 292 -1.75 -16.66 -9.24
CA TYR A 292 -0.94 -15.51 -9.63
C TYR A 292 0.28 -15.92 -10.44
N LYS A 293 0.96 -16.98 -10.00
CA LYS A 293 2.11 -17.53 -10.74
C LYS A 293 1.72 -17.99 -12.14
N LYS A 294 0.54 -18.61 -12.25
CA LYS A 294 0.09 -19.13 -13.53
C LYS A 294 -0.26 -18.02 -14.52
N GLN A 295 -0.75 -16.90 -14.00
CA GLN A 295 -1.17 -15.76 -14.82
C GLN A 295 0.03 -14.88 -15.16
N GLY A 296 1.16 -15.13 -14.50
CA GLY A 296 2.36 -14.35 -14.72
C GLY A 296 2.29 -13.04 -13.97
N VAL A 297 1.57 -13.04 -12.85
CA VAL A 297 1.50 -11.87 -12.00
C VAL A 297 2.36 -12.07 -10.75
N SER A 298 3.18 -11.07 -10.46
CA SER A 298 4.09 -11.09 -9.32
C SER A 298 3.39 -11.32 -7.98
N ILE A 299 3.96 -12.22 -7.18
CA ILE A 299 3.47 -12.49 -5.83
C ILE A 299 4.58 -13.18 -5.02
N VAL A 300 4.48 -13.10 -3.70
CA VAL A 300 5.44 -13.77 -2.83
C VAL A 300 4.74 -14.53 -1.70
N ASP A 301 5.23 -15.72 -1.39
CA ASP A 301 4.69 -16.48 -0.27
C ASP A 301 5.31 -15.98 1.03
N HIS A 302 4.66 -16.27 2.16
CA HIS A 302 5.10 -15.71 3.43
C HIS A 302 6.42 -16.29 3.94
N HIS A 303 6.77 -17.48 3.50
CA HIS A 303 8.04 -18.10 3.88
C HIS A 303 9.21 -17.39 3.18
N THR A 304 9.06 -17.20 1.88
CA THR A 304 10.09 -16.53 1.07
C THR A 304 10.24 -15.07 1.52
N ALA A 305 9.11 -14.43 1.79
CA ALA A 305 9.12 -13.04 2.25
C ALA A 305 9.84 -12.90 3.58
N ALA A 306 9.62 -13.86 4.48
CA ALA A 306 10.29 -13.86 5.77
C ALA A 306 11.80 -14.08 5.60
N SER A 307 12.16 -14.93 4.65
CA SER A 307 13.57 -15.15 4.32
C SER A 307 14.22 -13.86 3.87
N GLN A 308 13.49 -13.13 3.02
CA GLN A 308 13.96 -11.84 2.52
C GLN A 308 14.10 -10.82 3.64
N PHE A 309 13.14 -10.82 4.57
CA PHE A 309 13.17 -9.88 5.69
C PHE A 309 14.35 -10.17 6.62
N LYS A 310 14.73 -11.44 6.71
CA LYS A 310 15.92 -11.84 7.47
C LYS A 310 17.15 -11.21 6.83
N ARG A 311 17.19 -11.23 5.51
CA ARG A 311 18.29 -10.60 4.78
C ARG A 311 18.27 -9.09 4.99
N PHE A 312 17.07 -8.52 5.09
CA PHE A 312 16.93 -7.10 5.40
C PHE A 312 17.51 -6.79 6.78
N GLU A 313 17.18 -7.63 7.75
CA GLU A 313 17.73 -7.47 9.11
C GLU A 313 19.24 -7.53 9.08
N GLU A 314 19.77 -8.52 8.34
CA GLU A 314 21.20 -8.70 8.24
C GLU A 314 21.89 -7.53 7.56
N GLN A 315 21.26 -7.01 6.50
CA GLN A 315 21.77 -5.83 5.79
C GLN A 315 21.84 -4.61 6.71
N ALA A 316 20.82 -4.45 7.54
CA ALA A 316 20.73 -3.32 8.47
C ALA A 316 21.90 -3.30 9.44
N GLU A 317 22.14 -4.44 10.10
CA GLU A 317 23.22 -4.54 11.06
C GLU A 317 24.60 -4.37 10.42
N GLU A 318 24.76 -4.94 9.22
CA GLU A 318 26.00 -4.78 8.47
C GLU A 318 26.26 -3.31 8.15
N ALA A 319 25.20 -2.56 7.89
CA ALA A 319 25.32 -1.15 7.54
C ALA A 319 25.31 -0.23 8.76
N GLY A 320 25.26 -0.82 9.96
CA GLY A 320 25.31 -0.04 11.18
C GLY A 320 24.05 0.78 11.42
N ARG A 321 22.95 0.33 10.83
CA ARG A 321 21.66 0.99 11.02
C ARG A 321 20.82 0.27 12.06
N LYS A 322 20.10 1.03 12.86
CA LYS A 322 19.16 0.46 13.82
C LYS A 322 17.97 -0.12 13.08
N LEU A 323 17.55 -1.31 13.49
CA LEU A 323 16.38 -1.94 12.88
C LEU A 323 15.15 -1.66 13.73
N THR A 324 14.06 -1.27 13.07
CA THR A 324 12.79 -1.11 13.76
C THR A 324 11.72 -1.97 13.11
N GLY A 325 10.71 -2.39 13.89
CA GLY A 325 9.66 -3.22 13.36
C GLY A 325 8.49 -3.43 14.31
N ASP A 326 7.32 -3.73 13.75
CA ASP A 326 6.15 -4.05 14.54
C ASP A 326 5.88 -5.55 14.43
N TRP A 327 6.25 -6.28 15.48
CA TRP A 327 6.12 -7.74 15.51
C TRP A 327 4.71 -8.21 15.20
N THR A 328 3.73 -7.45 15.65
CA THR A 328 2.33 -7.84 15.46
C THR A 328 1.89 -7.76 14.00
N TRP A 329 2.60 -6.98 13.19
CA TRP A 329 2.27 -6.85 11.77
C TRP A 329 3.21 -7.66 10.88
N LEU A 330 4.41 -7.92 11.38
CA LEU A 330 5.43 -8.61 10.60
C LEU A 330 5.18 -10.11 10.49
N ILE A 331 4.59 -10.70 11.53
CA ILE A 331 4.24 -12.12 11.48
C ILE A 331 3.09 -12.35 10.49
N PRO A 332 3.21 -13.40 9.67
CA PRO A 332 2.14 -13.72 8.74
C PRO A 332 0.96 -14.35 9.47
N PRO A 333 -0.26 -14.17 8.95
CA PRO A 333 -1.46 -14.72 9.60
C PRO A 333 -1.57 -16.23 9.41
N ILE A 334 -0.63 -16.80 8.66
CA ILE A 334 -0.60 -18.23 8.42
C ILE A 334 0.74 -18.82 8.82
N SER A 335 0.71 -19.82 9.70
CA SER A 335 1.90 -20.47 10.23
C SER A 335 3.01 -19.50 10.66
N PRO A 336 2.67 -18.49 11.49
CA PRO A 336 3.71 -17.50 11.82
C PRO A 336 4.88 -18.10 12.59
N ALA A 337 4.66 -19.15 13.37
CA ALA A 337 5.72 -19.76 14.16
C ALA A 337 6.75 -20.50 13.29
N ALA A 338 6.42 -20.66 12.01
CA ALA A 338 7.32 -21.31 11.06
C ALA A 338 8.30 -20.31 10.47
N THR A 339 8.15 -19.04 10.84
CA THR A 339 9.06 -18.00 10.40
C THR A 339 9.94 -17.57 11.58
N HIS A 340 11.11 -17.00 11.26
CA HIS A 340 12.05 -16.56 12.28
C HIS A 340 11.52 -15.34 13.02
N ILE A 341 10.68 -14.57 12.35
CA ILE A 341 10.10 -13.34 12.88
C ILE A 341 9.39 -13.57 14.20
N PHE A 342 8.60 -14.64 14.24
CA PHE A 342 7.86 -15.03 15.44
C PHE A 342 8.77 -15.23 16.63
N HIS A 343 10.00 -15.69 16.38
CA HIS A 343 10.87 -16.11 17.47
C HIS A 343 11.88 -15.05 17.91
N ARG A 344 11.65 -13.79 17.54
CA ARG A 344 12.48 -12.69 18.02
C ARG A 344 11.64 -11.46 18.30
N SER A 345 12.25 -10.43 18.87
CA SER A 345 11.55 -9.19 19.18
C SER A 345 12.02 -8.04 18.29
N TYR A 346 11.18 -7.02 18.16
CA TYR A 346 11.50 -5.88 17.32
C TYR A 346 11.19 -4.56 18.01
N ASP A 347 12.11 -3.61 17.90
CA ASP A 347 11.91 -2.26 18.44
C ASP A 347 10.89 -1.53 17.56
N ASN A 348 9.76 -1.14 18.14
CA ASN A 348 8.70 -0.48 17.38
C ASN A 348 8.81 1.04 17.41
N SER A 349 10.04 1.55 17.46
CA SER A 349 10.27 2.98 17.47
C SER A 349 10.00 3.57 16.09
N ILE A 350 9.40 4.77 16.06
CA ILE A 350 9.08 5.45 14.81
C ILE A 350 10.25 6.30 14.34
N VAL A 351 10.75 6.03 13.14
CA VAL A 351 11.82 6.82 12.55
C VAL A 351 11.33 7.52 11.28
N LYS A 352 11.70 8.78 11.11
CA LYS A 352 11.36 9.51 9.90
C LYS A 352 12.58 9.60 8.99
N PRO A 353 12.36 9.66 7.66
CA PRO A 353 11.10 9.68 6.90
C PRO A 353 10.27 8.41 7.06
N ASN A 354 8.97 8.51 6.83
CA ASN A 354 8.06 7.40 7.04
C ASN A 354 6.69 7.66 6.42
N TYR A 355 5.87 6.63 6.36
CA TYR A 355 4.49 6.76 5.89
C TYR A 355 3.53 6.71 7.08
N PHE A 356 2.53 7.58 7.08
CA PHE A 356 1.63 7.69 8.23
C PHE A 356 0.16 7.63 7.83
N TYR A 357 -0.68 7.20 8.78
CA TYR A 357 -2.12 7.29 8.62
C TYR A 357 -2.55 8.75 8.64
N GLN A 358 -3.64 9.05 7.96
CA GLN A 358 -4.23 10.38 8.02
C GLN A 358 -5.76 10.26 8.01
N ASP A 359 -6.44 11.28 8.49
CA ASP A 359 -7.90 11.27 8.56
C ASP A 359 -8.50 11.10 7.17
N LYS A 360 -9.52 10.25 7.07
CA LYS A 360 -10.24 10.10 5.81
C LYS A 360 -11.12 11.32 5.58
N PRO A 361 -11.19 11.80 4.33
CA PRO A 361 -11.99 12.97 3.97
C PRO A 361 -13.50 12.72 3.94
N TYR A 362 -13.91 11.45 3.94
CA TYR A 362 -15.33 11.08 3.98
C TYR A 362 -15.64 10.37 5.31
N GLU A 363 -16.89 9.91 5.46
CA GLU A 363 -17.43 9.40 6.72
C GLU A 363 -17.18 10.30 7.94
CHA HEM B . 2.69 -3.32 5.21
CHB HEM B . 4.41 -6.68 2.18
CHC HEM B . 6.16 -3.15 -0.68
CHD HEM B . 5.13 0.10 2.75
C1A HEM B . 2.97 -4.48 4.54
C2A HEM B . 2.34 -5.70 4.87
C3A HEM B . 2.82 -6.64 4.03
C4A HEM B . 3.74 -6.02 3.17
CMA HEM B . 2.44 -8.10 4.02
CAA HEM B . 1.34 -5.92 5.97
CBA HEM B . -0.05 -5.52 5.48
CGA HEM B . -1.10 -6.30 6.20
O1A HEM B . -0.78 -7.01 7.18
O2A HEM B . -2.30 -6.24 5.83
C1B HEM B . 4.97 -5.97 1.12
C2B HEM B . 5.37 -6.61 -0.07
C3B HEM B . 5.87 -5.65 -0.89
C4B HEM B . 5.74 -4.38 -0.15
CMB HEM B . 5.27 -8.08 -0.37
CAB HEM B . 6.41 -5.87 -2.26
CBB HEM B . 7.43 -5.18 -2.75
C1C HEM B . 6.02 -1.93 -0.03
C2C HEM B . 6.30 -0.66 -0.57
C3C HEM B . 6.00 0.29 0.42
C4C HEM B . 5.54 -0.44 1.56
CMC HEM B . 6.81 -0.41 -1.96
CAC HEM B . 6.12 1.76 0.34
CBC HEM B . 7.08 2.41 -0.31
C1D HEM B . 4.32 -0.61 3.65
C2D HEM B . 3.61 0.09 4.72
C3D HEM B . 2.93 -0.85 5.40
C4D HEM B . 3.23 -2.13 4.75
CMD HEM B . 3.62 1.57 5.00
CAD HEM B . 2.05 -0.61 6.59
CBD HEM B . 0.65 -0.14 6.16
CGD HEM B . -0.18 0.22 7.37
O1D HEM B . -1.43 0.09 7.35
O2D HEM B . 0.37 0.65 8.41
NA HEM B . 3.85 -4.68 3.49
NB HEM B . 5.16 -4.64 1.05
NC HEM B . 5.58 -1.77 1.25
ND HEM B . 4.04 -1.93 3.69
FE HEM B . 4.80 -3.21 2.54
N1 H4B C . -1.09 -7.92 11.28
C2 H4B C . -1.20 -7.71 9.94
N2 H4B C . -0.27 -8.25 9.12
N3 H4B C . -2.18 -6.98 9.38
C4 H4B C . -3.14 -6.41 10.13
O4 H4B C . -4.06 -5.73 9.60
C4A H4B C . -3.09 -6.58 11.59
C8A H4B C . -1.99 -7.39 12.13
N5 H4B C . -4.01 -6.05 12.42
N8 H4B C . -1.94 -7.57 13.46
C6 H4B C . -3.72 -5.84 13.84
C7 H4B C . -2.42 -6.51 14.32
C9 H4B C . -4.96 -6.18 14.66
O9 H4B C . -5.29 -7.57 14.47
C10 H4B C . -4.86 -5.85 16.16
C11 H4B C . -6.12 -5.11 16.61
O10 H4B C . -3.72 -5.04 16.49
CL CL D . -5.23 -5.73 0.29
N22 Q14 E . 1.97 -6.19 -0.56
C22 Q14 E . 1.76 -4.94 -0.06
C23 Q14 E . 2.35 -3.85 -0.66
C24 Q14 E . 2.14 -2.58 -0.14
C27 Q14 E . 2.76 -1.37 -0.77
C25 Q14 E . 1.33 -2.43 0.98
N21 Q14 E . 0.98 -4.78 1.03
C26 Q14 E . 0.75 -3.56 1.56
C28 Q14 E . -0.12 -3.38 2.78
O29 Q14 E . -1.40 -3.95 2.51
C12 Q14 E . -2.37 -3.75 3.54
C13 Q14 E . -3.53 -4.71 3.31
N14 Q14 E . -3.02 -6.09 3.29
C11 Q14 E . -2.89 -2.31 3.51
C10 Q14 E . -2.45 -1.48 4.71
O09 Q14 E . -2.98 -1.96 5.95
C08 Q14 E . -4.38 -2.29 5.93
C06 Q14 E . -5.27 -1.17 6.41
N01 Q14 E . -4.86 0.12 6.41
C02 Q14 E . -5.69 1.10 6.84
N02 Q14 E . -5.27 2.40 6.83
C03 Q14 E . -6.97 0.80 7.29
C05 Q14 E . -6.55 -1.50 6.85
C04 Q14 E . -7.40 -0.52 7.30
C07 Q14 E . -8.78 -0.88 7.78
C1 GOL F . 9.73 -12.53 -7.67
O1 GOL F . 10.77 -11.65 -8.13
C2 GOL F . 8.58 -11.69 -7.12
O2 GOL F . 8.10 -12.28 -5.91
C3 GOL F . 7.46 -11.70 -8.15
O3 GOL F . 6.72 -12.92 -8.07
#